data_5C7N
#
_entry.id   5C7N
#
_cell.length_a   60.502
_cell.length_b   60.502
_cell.length_c   63.111
_cell.angle_alpha   90.00
_cell.angle_beta   90.00
_cell.angle_gamma   120.00
#
_symmetry.space_group_name_H-M   'P 32 2 1'
#
loop_
_entity.id
_entity.type
_entity.pdbx_description
1 polymer Peregrin
2 non-polymer Bromosporine
3 non-polymer 'NITRATE ION'
4 water water
#
_entity_poly.entity_id   1
_entity_poly.type   'polypeptide(L)'
_entity_poly.pdbx_seq_one_letter_code
;SMEMQLTPFLILLRKTLEQLQEKDTGNIFSEPVPLSEVPDYLDHIKKPMDFFTMKQNLEAYRYLNFDDFEEDFNLIVSNC
LKYNAKDTIFYRAAVRLREQGGAVLRQARRQAEKMG
;
_entity_poly.pdbx_strand_id   A
#
loop_
_chem_comp.id
_chem_comp.type
_chem_comp.name
_chem_comp.formula
BMF non-polymer Bromosporine 'C17 H20 N6 O4 S'
NO3 non-polymer 'NITRATE ION' 'N O3 -1'
#
# COMPACT_ATOMS: atom_id res chain seq x y z
N MET A 4 11.07 -11.63 -18.40
CA MET A 4 11.11 -10.27 -17.89
C MET A 4 12.37 -10.05 -17.03
N GLN A 5 12.90 -8.84 -17.05
CA GLN A 5 14.16 -8.52 -16.37
C GLN A 5 13.90 -7.71 -15.09
N LEU A 6 14.75 -7.92 -14.08
CA LEU A 6 14.50 -7.38 -12.74
C LEU A 6 14.51 -5.84 -12.66
N THR A 7 15.54 -5.23 -13.24
CA THR A 7 15.72 -3.78 -13.12
C THR A 7 14.54 -2.93 -13.59
N PRO A 8 13.98 -3.21 -14.79
CA PRO A 8 12.85 -2.35 -15.19
C PRO A 8 11.61 -2.60 -14.35
N PHE A 9 11.42 -3.85 -13.92
CA PHE A 9 10.28 -4.16 -13.08
C PHE A 9 10.38 -3.39 -11.78
N LEU A 10 11.57 -3.34 -11.18
CA LEU A 10 11.70 -2.67 -9.90
C LEU A 10 11.53 -1.15 -10.10
N ILE A 11 12.05 -0.65 -11.23
CA ILE A 11 11.85 0.76 -11.57
C ILE A 11 10.35 1.09 -11.58
N LEU A 12 9.58 0.21 -12.20
CA LEU A 12 8.13 0.37 -12.30
C LEU A 12 7.48 0.35 -10.93
N LEU A 13 7.89 -0.59 -10.07
CA LEU A 13 7.28 -0.66 -8.74
C LEU A 13 7.62 0.57 -7.90
N ARG A 14 8.85 1.09 -8.06
CA ARG A 14 9.23 2.31 -7.36
C ARG A 14 8.32 3.47 -7.74
N LYS A 15 8.08 3.62 -9.04
CA LYS A 15 7.22 4.70 -9.54
C LYS A 15 5.79 4.51 -9.07
N THR A 16 5.34 3.27 -9.10
CA THR A 16 3.99 2.96 -8.71
C THR A 16 3.78 3.26 -7.23
N LEU A 17 4.77 2.92 -6.42
CA LEU A 17 4.67 3.19 -4.99
C LEU A 17 4.59 4.69 -4.73
N GLU A 18 5.38 5.46 -5.47
CA GLU A 18 5.36 6.91 -5.32
C GLU A 18 3.98 7.43 -5.70
N GLN A 19 3.39 6.83 -6.74
CA GLN A 19 2.08 7.27 -7.22
C GLN A 19 0.98 6.97 -6.23
N LEU A 20 1.09 5.82 -5.56
CA LEU A 20 0.13 5.46 -4.54
C LEU A 20 0.27 6.39 -3.35
N GLN A 21 1.52 6.65 -2.99
CA GLN A 21 1.80 7.50 -1.85
C GLN A 21 1.24 8.90 -2.09
N GLU A 22 1.29 9.36 -3.34
CA GLU A 22 0.70 10.66 -3.69
C GLU A 22 -0.79 10.75 -3.40
N LYS A 23 -1.47 9.61 -3.41
CA LYS A 23 -2.92 9.60 -3.20
C LYS A 23 -3.24 9.77 -1.72
N ASP A 24 -2.26 9.45 -0.88
CA ASP A 24 -2.42 9.50 0.55
C ASP A 24 -2.00 10.90 0.96
N THR A 25 -2.89 11.85 0.69
CA THR A 25 -2.53 13.26 0.87
C THR A 25 -2.33 13.61 2.33
N GLY A 26 -3.07 12.92 3.20
CA GLY A 26 -2.97 13.16 4.62
C GLY A 26 -1.74 12.52 5.24
N ASN A 27 -1.05 11.70 4.45
CA ASN A 27 0.14 10.96 4.90
C ASN A 27 -0.17 10.08 6.10
N ILE A 28 -1.36 9.48 6.14
CA ILE A 28 -1.74 8.71 7.30
C ILE A 28 -1.30 7.27 7.12
N PHE A 29 -0.89 6.92 5.90
CA PHE A 29 -0.45 5.56 5.61
C PHE A 29 1.05 5.49 5.30
N SER A 30 1.77 6.57 5.57
CA SER A 30 3.17 6.66 5.19
CA SER A 30 3.17 6.70 5.22
C SER A 30 4.10 5.93 6.17
N GLU A 31 3.64 5.75 7.40
CA GLU A 31 4.42 5.11 8.46
C GLU A 31 3.55 4.11 9.19
N PRO A 32 4.19 3.16 9.91
CA PRO A 32 3.38 2.20 10.67
C PRO A 32 2.49 2.89 11.69
N VAL A 33 1.33 2.30 11.97
CA VAL A 33 0.46 2.81 13.02
C VAL A 33 1.20 2.75 14.35
N PRO A 34 1.43 3.92 14.98
CA PRO A 34 2.16 4.01 16.24
C PRO A 34 1.47 3.23 17.35
N LEU A 35 1.99 2.06 17.68
CA LEU A 35 1.42 1.21 18.72
C LEU A 35 1.34 1.97 20.04
N SER A 36 2.23 2.92 20.23
CA SER A 36 2.23 3.76 21.42
C SER A 36 0.98 4.64 21.49
N GLU A 37 0.52 5.12 20.34
CA GLU A 37 -0.68 5.96 20.26
C GLU A 37 -1.94 5.13 20.16
N VAL A 38 -1.81 3.95 19.55
CA VAL A 38 -2.95 3.05 19.36
C VAL A 38 -2.60 1.66 19.93
N PRO A 39 -2.64 1.54 21.27
CA PRO A 39 -2.14 0.35 21.98
C PRO A 39 -2.88 -0.95 21.66
N ASP A 40 -4.15 -0.87 21.31
CA ASP A 40 -4.94 -2.08 21.05
C ASP A 40 -4.91 -2.51 19.59
N TYR A 41 -4.05 -1.87 18.80
CA TYR A 41 -4.05 -2.06 17.35
C TYR A 41 -3.78 -3.49 16.91
N LEU A 42 -2.80 -4.14 17.53
CA LEU A 42 -2.39 -5.48 17.09
C LEU A 42 -3.34 -6.57 17.56
N ASP A 43 -4.32 -6.21 18.38
CA ASP A 43 -5.26 -7.19 18.93
C ASP A 43 -6.11 -7.88 17.84
N HIS A 44 -6.28 -7.23 16.69
CA HIS A 44 -7.02 -7.84 15.60
C HIS A 44 -6.39 -7.59 14.23
N ILE A 45 -5.33 -6.79 14.20
CA ILE A 45 -4.57 -6.55 12.98
C ILE A 45 -3.31 -7.43 12.97
N LYS A 46 -3.38 -8.54 12.23
CA LYS A 46 -2.33 -9.56 12.31
C LYS A 46 -1.12 -9.25 11.41
N LYS A 47 -1.32 -8.44 10.37
CA LYS A 47 -0.20 -8.00 9.57
C LYS A 47 -0.31 -6.51 9.23
N PRO A 48 0.22 -5.66 10.11
CA PRO A 48 0.29 -4.22 9.85
C PRO A 48 1.07 -3.94 8.57
N MET A 49 0.68 -2.89 7.85
CA MET A 49 1.39 -2.51 6.65
C MET A 49 1.23 -1.01 6.40
N ASP A 50 2.22 -0.45 5.69
CA ASP A 50 2.31 0.99 5.41
C ASP A 50 3.28 1.22 4.26
N PHE A 51 3.31 2.44 3.73
CA PHE A 51 4.12 2.69 2.55
C PHE A 51 5.63 2.65 2.81
N PHE A 52 6.04 3.04 4.01
CA PHE A 52 7.47 3.00 4.33
C PHE A 52 7.94 1.56 4.34
N THR A 53 7.17 0.71 5.01
CA THR A 53 7.46 -0.71 5.08
C THR A 53 7.46 -1.32 3.67
N MET A 54 6.51 -0.90 2.82
CA MET A 54 6.46 -1.37 1.44
C MET A 54 7.73 -0.97 0.69
N LYS A 55 8.23 0.23 0.95
CA LYS A 55 9.48 0.68 0.35
C LYS A 55 10.64 -0.23 0.74
N GLN A 56 10.68 -0.61 2.01
N GLN A 56 10.68 -0.59 2.03
CA GLN A 56 11.77 -1.46 2.50
CA GLN A 56 11.72 -1.46 2.54
C GLN A 56 11.67 -2.87 1.91
C GLN A 56 11.65 -2.85 1.91
N ASN A 57 10.44 -3.37 1.79
CA ASN A 57 10.20 -4.66 1.18
C ASN A 57 10.59 -4.68 -0.29
N LEU A 58 10.29 -3.58 -0.98
CA LEU A 58 10.64 -3.44 -2.39
C LEU A 58 12.15 -3.55 -2.60
N GLU A 59 12.91 -2.79 -1.81
CA GLU A 59 14.36 -2.68 -2.00
C GLU A 59 15.08 -3.89 -1.42
N ALA A 60 14.33 -4.73 -0.72
CA ALA A 60 14.86 -5.99 -0.19
C ALA A 60 14.58 -7.12 -1.17
N TYR A 61 14.08 -6.76 -2.35
CA TYR A 61 13.71 -7.73 -3.39
C TYR A 61 12.64 -8.69 -2.89
N ARG A 62 11.72 -8.19 -2.09
CA ARG A 62 10.63 -9.02 -1.58
C ARG A 62 9.40 -8.98 -2.48
N TYR A 63 9.34 -8.00 -3.38
CA TYR A 63 8.27 -7.93 -4.38
C TYR A 63 8.83 -8.30 -5.74
N LEU A 64 8.63 -9.55 -6.15
CA LEU A 64 9.18 -10.01 -7.42
C LEU A 64 8.08 -10.20 -8.46
N ASN A 65 6.85 -9.87 -8.09
CA ASN A 65 5.75 -9.88 -9.04
C ASN A 65 4.73 -8.86 -8.60
N PHE A 66 3.82 -8.51 -9.50
CA PHE A 66 2.92 -7.43 -9.17
C PHE A 66 2.01 -7.81 -8.03
N ASP A 67 1.61 -9.08 -7.96
CA ASP A 67 0.62 -9.51 -7.00
C ASP A 67 1.08 -9.30 -5.56
N ASP A 68 2.35 -9.62 -5.29
CA ASP A 68 2.86 -9.48 -3.94
C ASP A 68 2.91 -8.02 -3.54
N PHE A 69 3.16 -7.16 -4.52
CA PHE A 69 3.19 -5.70 -4.30
C PHE A 69 1.79 -5.22 -3.95
N GLU A 70 0.84 -5.58 -4.81
CA GLU A 70 -0.56 -5.19 -4.64
C GLU A 70 -1.18 -5.79 -3.37
N GLU A 71 -0.77 -7.00 -2.99
CA GLU A 71 -1.25 -7.60 -1.75
C GLU A 71 -0.94 -6.71 -0.53
N ASP A 72 0.26 -6.15 -0.47
CA ASP A 72 0.64 -5.35 0.70
C ASP A 72 -0.08 -4.01 0.64
N PHE A 73 -0.28 -3.47 -0.57
CA PHE A 73 -1.09 -2.25 -0.69
C PHE A 73 -2.49 -2.53 -0.18
N ASN A 74 -3.08 -3.64 -0.60
CA ASN A 74 -4.41 -3.98 -0.17
C ASN A 74 -4.51 -4.12 1.34
N LEU A 75 -3.42 -4.54 1.99
CA LEU A 75 -3.41 -4.68 3.45
C LEU A 75 -3.52 -3.30 4.14
N ILE A 76 -2.84 -2.31 3.57
CA ILE A 76 -2.92 -0.93 4.06
C ILE A 76 -4.38 -0.54 4.14
N VAL A 77 -5.11 -0.83 3.07
CA VAL A 77 -6.50 -0.48 2.99
C VAL A 77 -7.37 -1.32 3.93
N SER A 78 -7.23 -2.65 3.90
CA SER A 78 -8.15 -3.50 4.67
CA SER A 78 -8.14 -3.51 4.67
C SER A 78 -7.92 -3.39 6.17
N ASN A 79 -6.66 -3.18 6.57
CA ASN A 79 -6.36 -3.01 7.99
C ASN A 79 -7.09 -1.79 8.53
N CYS A 80 -7.09 -0.74 7.72
CA CYS A 80 -7.69 0.52 8.13
C CYS A 80 -9.22 0.41 8.18
N LEU A 81 -9.81 -0.23 7.18
CA LEU A 81 -11.24 -0.48 7.17
C LEU A 81 -11.64 -1.34 8.36
N LYS A 82 -10.83 -2.34 8.66
CA LYS A 82 -11.12 -3.24 9.78
C LYS A 82 -11.06 -2.53 11.13
N TYR A 83 -10.00 -1.75 11.36
CA TYR A 83 -9.79 -1.20 12.70
C TYR A 83 -10.75 -0.07 13.05
N ASN A 84 -11.09 0.76 12.07
CA ASN A 84 -11.80 2.01 12.35
C ASN A 84 -13.28 1.94 12.03
N ALA A 85 -14.09 2.63 12.83
CA ALA A 85 -15.52 2.73 12.58
C ALA A 85 -15.78 3.43 11.25
N LYS A 86 -16.91 3.14 10.63
CA LYS A 86 -17.21 3.70 9.31
C LYS A 86 -17.30 5.23 9.29
N ASP A 87 -17.76 5.84 10.38
CA ASP A 87 -17.95 7.29 10.38
C ASP A 87 -16.69 8.04 10.81
N THR A 88 -15.52 7.54 10.44
CA THR A 88 -14.29 8.23 10.82
C THR A 88 -13.54 8.69 9.59
N ILE A 89 -12.67 9.68 9.78
CA ILE A 89 -11.79 10.12 8.72
C ILE A 89 -10.92 8.97 8.23
N PHE A 90 -10.40 8.18 9.16
CA PHE A 90 -9.52 7.08 8.80
C PHE A 90 -10.22 6.12 7.84
N TYR A 91 -11.42 5.68 8.21
CA TYR A 91 -12.14 4.70 7.39
C TYR A 91 -12.37 5.28 5.99
N ARG A 92 -12.83 6.52 5.90
CA ARG A 92 -13.11 7.12 4.59
C ARG A 92 -11.83 7.32 3.78
N ALA A 93 -10.72 7.58 4.46
CA ALA A 93 -9.43 7.75 3.78
C ALA A 93 -9.01 6.45 3.11
N ALA A 94 -9.30 5.33 3.78
CA ALA A 94 -8.96 4.03 3.23
C ALA A 94 -9.82 3.70 2.02
N VAL A 95 -11.10 4.04 2.09
CA VAL A 95 -11.99 3.88 0.93
C VAL A 95 -11.47 4.68 -0.25
N ARG A 96 -11.06 5.91 0.00
CA ARG A 96 -10.57 6.79 -1.07
C ARG A 96 -9.27 6.26 -1.64
N LEU A 97 -8.39 5.78 -0.76
CA LEU A 97 -7.14 5.17 -1.22
C LEU A 97 -7.42 3.94 -2.07
N ARG A 98 -8.35 3.11 -1.65
CA ARG A 98 -8.73 1.93 -2.42
C ARG A 98 -9.15 2.32 -3.84
N GLU A 99 -9.96 3.37 -3.90
CA GLU A 99 -10.54 3.85 -5.14
C GLU A 99 -9.47 4.43 -6.05
N GLN A 100 -8.75 5.40 -5.52
CA GLN A 100 -7.73 6.10 -6.32
C GLN A 100 -6.52 5.22 -6.60
N GLY A 101 -6.18 4.38 -5.62
CA GLY A 101 -5.08 3.43 -5.76
C GLY A 101 -5.34 2.37 -6.81
N GLY A 102 -6.59 1.95 -6.93
CA GLY A 102 -6.96 0.90 -7.88
C GLY A 102 -6.65 1.25 -9.32
N ALA A 103 -6.96 2.48 -9.70
CA ALA A 103 -6.66 2.98 -11.03
C ALA A 103 -5.15 3.03 -11.26
N VAL A 104 -4.41 3.46 -10.23
CA VAL A 104 -2.95 3.53 -10.34
C VAL A 104 -2.38 2.14 -10.60
N LEU A 105 -2.90 1.15 -9.87
CA LEU A 105 -2.39 -0.22 -9.93
C LEU A 105 -2.69 -0.89 -11.26
N ARG A 106 -3.89 -0.65 -11.79
N ARG A 106 -3.89 -0.64 -11.77
CA ARG A 106 -4.28 -1.25 -13.07
CA ARG A 106 -4.33 -1.19 -13.05
C ARG A 106 -3.36 -0.77 -14.18
C ARG A 106 -3.39 -0.75 -14.17
N GLN A 107 -3.12 0.55 -14.21
CA GLN A 107 -2.24 1.13 -15.22
C GLN A 107 -0.82 0.57 -15.10
N ALA A 108 -0.35 0.41 -13.87
CA ALA A 108 1.01 -0.07 -13.66
C ALA A 108 1.13 -1.53 -14.07
N ARG A 109 0.09 -2.30 -13.81
CA ARG A 109 0.10 -3.72 -14.14
C ARG A 109 0.16 -3.91 -15.66
N ARG A 110 -0.59 -3.09 -16.38
N ARG A 110 -0.56 -3.06 -16.39
CA ARG A 110 -0.56 -3.10 -17.83
CA ARG A 110 -0.55 -3.17 -17.85
C ARG A 110 0.85 -2.86 -18.33
C ARG A 110 0.82 -2.78 -18.41
N GLN A 111 1.53 -1.89 -17.70
CA GLN A 111 2.91 -1.57 -18.03
C GLN A 111 3.83 -2.78 -17.81
N ALA A 112 3.57 -3.51 -16.72
CA ALA A 112 4.36 -4.69 -16.36
C ALA A 112 4.17 -5.83 -17.37
N GLU A 113 2.94 -5.96 -17.86
CA GLU A 113 2.61 -7.04 -18.79
C GLU A 113 3.18 -6.80 -20.18
N LYS A 114 3.68 -5.59 -20.42
CA LYS A 114 4.37 -5.29 -21.67
C LYS A 114 5.85 -5.68 -21.59
N MET A 115 6.24 -6.23 -20.44
CA MET A 115 7.64 -6.56 -20.19
C MET A 115 7.93 -8.05 -20.40
C10 BMF B . -2.57 7.06 13.90
N12 BMF B . -3.36 5.57 12.16
C15 BMF B . -5.59 4.94 13.63
C17 BMF B . -7.15 5.03 15.45
C20 BMF B . -9.94 4.79 17.75
C22 BMF B . -4.64 5.84 14.11
C26 BMF B . -3.34 4.09 9.50
C28 BMF B . -1.96 8.54 15.71
C01 BMF B . 0.11 9.76 15.65
C02 BMF B . -0.78 8.87 15.07
C03 BMF B . -0.48 8.30 13.82
N04 BMF B . 0.68 8.68 13.28
S05 BMF B . 0.97 8.53 11.64
C06 BMF B . 2.56 9.23 11.24
O07 BMF B . 0.96 7.04 11.21
O08 BMF B . -0.11 9.29 10.85
C09 BMF B . -1.38 7.40 13.23
C11 BMF B . -3.50 6.16 13.37
N13 BMF B . -4.30 4.74 11.75
C14 BMF B . -5.40 4.40 12.43
N16 BMF B . -6.74 4.57 14.23
O18 BMF B . -8.36 4.61 15.93
C19 BMF B . -8.75 5.43 17.04
O21 BMF B . -6.48 5.77 16.16
N23 BMF B . -6.09 3.53 11.67
N24 BMF B . -5.47 3.32 10.61
C25 BMF B . -4.37 4.05 10.63
C27 BMF B . -2.84 7.64 15.13
N NO3 C . -16.42 0.46 1.97
O1 NO3 C . -16.66 0.64 0.53
O2 NO3 C . -15.33 -0.33 2.37
O3 NO3 C . -17.33 1.01 2.98
#